data_9FWM
#
_entry.id   9FWM
#
_cell.length_a   44.006
_cell.length_b   99.531
_cell.length_c   51.191
_cell.angle_alpha   90
_cell.angle_beta   114.94
_cell.angle_gamma   90
#
_symmetry.space_group_name_H-M   'P 1 21 1'
#
loop_
_entity.id
_entity.type
_entity.pdbx_description
1 polymer 'Non-structural protein 10'
2 polymer 'Guanine-N7 methyltransferase nsp14'
3 non-polymer 'DIMETHYL SULFOXIDE'
4 non-polymer 1H-indole-3-carboxamide
5 non-polymer 'ZINC ION'
6 non-polymer 'MAGNESIUM ION'
7 water water
#
loop_
_entity_poly.entity_id
_entity_poly.type
_entity_poly.pdbx_seq_one_letter_code
_entity_poly.pdbx_strand_id
1 'polypeptide(L)'
;AGNATEVPANSTVLSFCAFAVDAAKAYKDYLASGGQPITNCVKMLCTHTGTGQAITVTPEANMDQESFGGASCCLYCRCH
IDHPNPKGFCDLKGKYVQIPTTCANDPVGFTLKNTVCTVCGMWKGYGCSCD
;
A
2 'polypeptide(L)'
;MAENVTGLFKDCSKVITGLHPTQAPTHLSVDTKFKTEGLCVDIPGIPKDMTYRRLISMMGFKMNYQVNGYPNMFITREEA
IRHVRAWIGFDVEGCHATREAVGTNLPLQLGFSTGVNLVAVPTGYVDTPNNTDFSRVSAKPPPGDQFKHLIPLMYKGLPW
NVVRIKIVQMLSDTLKNLSDRVVFVLWAHGFELTSMKYFVKIGPERTCCLCDRRATCFSTASDTYACWHHSIGFDYVYNP
FMIDVQQWGFTGNLQSNHDLYCQVHGNAHVASCDAIMTRCLAVHECFVKR
;
B
#
# COMPACT_ATOMS: atom_id res chain seq x y z
N ALA A 1 6.23 2.94 -18.94
CA ALA A 1 5.28 4.05 -18.93
C ALA A 1 5.12 4.56 -17.50
N GLY A 2 5.01 5.86 -17.35
CA GLY A 2 4.87 6.45 -16.03
C GLY A 2 6.16 7.06 -15.54
N ASN A 3 6.11 7.76 -14.41
CA ASN A 3 7.26 8.42 -13.85
C ASN A 3 7.42 8.08 -12.40
N ALA A 4 8.61 7.60 -12.04
CA ALA A 4 8.84 7.21 -10.66
C ALA A 4 8.75 8.35 -9.68
N THR A 5 8.16 8.07 -8.53
CA THR A 5 8.13 9.04 -7.44
C THR A 5 9.07 8.65 -6.32
N GLU A 6 9.44 7.38 -6.19
CA GLU A 6 10.18 6.93 -5.02
C GLU A 6 11.52 6.30 -5.28
N VAL A 7 12.32 6.23 -4.21
CA VAL A 7 13.64 5.62 -4.22
C VAL A 7 13.64 4.31 -3.43
N PRO A 8 14.55 3.38 -3.80
CA PRO A 8 14.55 2.07 -3.12
C PRO A 8 14.77 2.13 -1.63
N ALA A 9 15.42 3.21 -1.13
CA ALA A 9 15.67 3.30 0.32
C ALA A 9 14.36 3.42 1.12
N ASN A 10 13.25 3.84 0.46
CA ASN A 10 11.98 3.99 1.17
C ASN A 10 11.02 2.80 0.91
N SER A 11 11.37 1.84 0.00
CA SER A 11 10.45 0.76 -0.27
C SER A 11 9.94 -0.02 0.93
N THR A 12 10.84 -0.42 1.84
CA THR A 12 10.40 -1.23 2.97
C THR A 12 9.45 -0.47 3.91
N VAL A 13 9.86 0.73 4.33
CA VAL A 13 9.07 1.47 5.31
C VAL A 13 7.70 1.84 4.74
N LEU A 14 7.68 2.25 3.42
CA LEU A 14 6.39 2.66 2.84
C LEU A 14 5.47 1.47 2.63
N SER A 15 6.07 0.28 2.29
CA SER A 15 5.25 -0.92 2.13
C SER A 15 4.64 -1.32 3.47
N PHE A 16 5.46 -1.31 4.55
CA PHE A 16 5.00 -1.67 5.87
C PHE A 16 3.86 -0.75 6.33
N CYS A 17 4.04 0.57 6.15
CA CYS A 17 3.03 1.53 6.62
C CYS A 17 1.79 1.53 5.71
N ALA A 18 1.94 1.20 4.42
CA ALA A 18 0.81 1.16 3.48
C ALA A 18 -0.17 0.03 3.84
N PHE A 19 0.32 -1.03 4.50
CA PHE A 19 -0.56 -2.14 4.88
C PHE A 19 -1.03 -2.07 6.31
N ALA A 20 -0.39 -1.25 7.14
CA ALA A 20 -0.75 -1.26 8.57
C ALA A 20 -2.16 -0.79 8.89
N VAL A 21 -2.79 -1.40 9.94
CA VAL A 21 -4.07 -0.86 10.45
C VAL A 21 -3.78 0.56 10.99
N ASP A 22 -2.70 0.71 11.75
CA ASP A 22 -2.35 2.00 12.34
C ASP A 22 -0.99 2.42 11.74
N ALA A 23 -1.01 3.22 10.66
CA ALA A 23 0.22 3.60 9.95
C ALA A 23 1.14 4.42 10.81
N ALA A 24 0.60 5.37 11.60
CA ALA A 24 1.46 6.20 12.45
C ALA A 24 2.22 5.32 13.47
N LYS A 25 1.52 4.36 14.11
CA LYS A 25 2.18 3.46 15.08
C LYS A 25 3.20 2.57 14.36
N ALA A 26 2.87 2.13 13.12
CA ALA A 26 3.82 1.31 12.37
C ALA A 26 5.08 2.09 12.08
N TYR A 27 4.93 3.37 11.71
CA TYR A 27 6.13 4.18 11.43
C TYR A 27 6.99 4.33 12.69
N LYS A 28 6.36 4.66 13.82
CA LYS A 28 7.06 4.78 15.12
C LYS A 28 7.80 3.49 15.46
N ASP A 29 7.12 2.35 15.27
CA ASP A 29 7.72 1.06 15.60
C ASP A 29 8.87 0.70 14.68
N TYR A 30 8.74 1.02 13.37
CA TYR A 30 9.78 0.77 12.38
C TYR A 30 11.05 1.53 12.79
N LEU A 31 10.90 2.78 13.25
CA LEU A 31 12.06 3.55 13.68
C LEU A 31 12.63 2.93 14.95
N ALA A 32 11.78 2.52 15.89
CA ALA A 32 12.29 1.95 17.16
C ALA A 32 13.00 0.62 16.96
N SER A 33 12.70 -0.12 15.87
CA SER A 33 13.42 -1.35 15.58
C SER A 33 14.68 -1.12 14.71
N GLY A 34 15.08 0.15 14.55
CA GLY A 34 16.31 0.48 13.85
C GLY A 34 16.18 0.88 12.39
N GLY A 35 14.96 1.11 11.94
CA GLY A 35 14.73 1.50 10.55
C GLY A 35 15.13 2.94 10.29
N GLN A 36 15.42 3.27 9.04
CA GLN A 36 15.78 4.63 8.64
C GLN A 36 14.50 5.44 8.44
N PRO A 37 14.55 6.73 8.78
CA PRO A 37 13.39 7.58 8.50
C PRO A 37 13.18 7.73 6.99
N ILE A 38 11.95 8.08 6.62
CA ILE A 38 11.61 8.29 5.22
C ILE A 38 12.43 9.46 4.65
N THR A 39 13.05 9.23 3.51
CA THR A 39 13.85 10.26 2.85
C THR A 39 13.13 10.71 1.55
N ASN A 40 13.82 11.48 0.66
CA ASN A 40 13.19 11.92 -0.57
C ASN A 40 12.03 12.89 -0.29
N CYS A 41 12.10 13.66 0.85
CA CYS A 41 11.12 14.72 1.11
C CYS A 41 11.47 15.93 0.20
N VAL A 42 10.58 16.92 0.18
CA VAL A 42 10.75 18.13 -0.61
C VAL A 42 11.30 19.19 0.32
N LYS A 43 12.61 19.34 0.35
CA LYS A 43 13.24 20.34 1.22
C LYS A 43 13.44 21.60 0.37
N MET A 44 13.12 22.77 0.94
CA MET A 44 13.21 24.01 0.21
C MET A 44 14.47 24.84 0.54
N LEU A 45 14.92 25.62 -0.45
CA LEU A 45 15.96 26.61 -0.25
C LEU A 45 15.20 27.89 0.06
N CYS A 46 15.58 28.58 1.13
CA CYS A 46 14.87 29.78 1.53
C CYS A 46 15.85 30.76 2.20
N THR A 47 15.37 31.94 2.65
CA THR A 47 16.27 32.90 3.28
C THR A 47 16.33 32.79 4.81
N HIS A 48 15.58 31.86 5.42
CA HIS A 48 15.60 31.69 6.88
C HIS A 48 15.31 33.00 7.63
N THR A 49 14.49 33.84 7.04
CA THR A 49 14.00 35.07 7.68
C THR A 49 12.48 35.08 7.76
N GLY A 50 11.87 33.89 7.79
CA GLY A 50 10.41 33.76 7.86
C GLY A 50 9.80 33.94 9.24
N THR A 51 8.46 33.84 9.29
CA THR A 51 7.73 34.00 10.52
C THR A 51 7.97 32.87 11.54
N GLY A 52 8.34 31.69 11.06
CA GLY A 52 8.53 30.53 11.93
C GLY A 52 7.22 29.78 12.21
N GLN A 53 6.09 30.24 11.63
CA GLN A 53 4.81 29.53 11.80
C GLN A 53 4.91 28.14 11.19
N ALA A 54 4.15 27.20 11.75
CA ALA A 54 4.28 25.81 11.37
C ALA A 54 3.81 25.49 9.98
N ILE A 55 2.65 25.99 9.58
CA ILE A 55 2.07 25.59 8.29
C ILE A 55 1.69 26.84 7.57
N THR A 56 2.32 27.07 6.40
CA THR A 56 2.23 28.34 5.69
C THR A 56 2.08 28.22 4.16
N VAL A 57 1.64 29.34 3.55
CA VAL A 57 1.44 29.36 2.11
C VAL A 57 2.75 29.32 1.31
N THR A 58 3.76 30.01 1.81
CA THR A 58 5.08 30.02 1.19
C THR A 58 6.08 29.65 2.30
N PRO A 59 7.32 29.33 1.94
CA PRO A 59 8.30 28.96 2.97
C PRO A 59 8.51 30.06 3.99
N GLU A 60 8.43 29.70 5.26
CA GLU A 60 8.54 30.66 6.37
C GLU A 60 9.51 30.23 7.44
N ALA A 61 10.53 29.44 7.08
CA ALA A 61 11.51 28.99 8.07
C ALA A 61 12.23 30.17 8.68
N ASN A 62 12.37 30.14 10.00
CA ASN A 62 13.22 31.10 10.68
C ASN A 62 14.64 30.44 10.79
N MET A 63 15.59 31.02 11.58
CA MET A 63 16.94 30.46 11.64
C MET A 63 17.03 29.13 12.44
N ASP A 64 15.98 28.77 13.15
CA ASP A 64 15.96 27.51 13.89
C ASP A 64 15.24 26.41 13.09
N GLN A 65 14.82 26.66 11.84
CA GLN A 65 14.01 25.69 11.11
C GLN A 65 14.50 25.41 9.69
N GLU A 66 13.85 24.42 9.07
CA GLU A 66 13.93 24.18 7.64
C GLU A 66 12.51 24.21 7.08
N SER A 67 12.34 24.52 5.80
CA SER A 67 11.01 24.52 5.19
C SER A 67 10.92 23.33 4.27
N PHE A 68 9.79 22.61 4.31
CA PHE A 68 9.55 21.49 3.39
C PHE A 68 8.24 21.62 2.69
N GLY A 69 8.08 20.95 1.54
CA GLY A 69 6.76 20.87 0.89
C GLY A 69 5.89 19.99 1.80
N GLY A 70 4.66 20.44 2.08
CA GLY A 70 3.74 19.81 3.04
C GLY A 70 3.41 18.35 2.81
N ALA A 71 3.01 18.02 1.56
CA ALA A 71 2.65 16.62 1.25
C ALA A 71 3.80 15.67 1.54
N SER A 72 5.05 16.13 1.27
CA SER A 72 6.20 15.25 1.44
C SER A 72 6.52 14.94 2.91
N CYS A 73 5.97 15.68 3.86
CA CYS A 73 6.19 15.41 5.28
C CYS A 73 4.99 14.71 5.91
N CYS A 74 4.03 14.27 5.10
CA CYS A 74 2.81 13.68 5.64
C CYS A 74 2.85 12.19 5.38
N LEU A 75 2.85 11.37 6.44
CA LEU A 75 2.90 9.90 6.21
C LEU A 75 1.78 9.38 5.33
N TYR A 76 0.59 9.98 5.49
CA TYR A 76 -0.57 9.52 4.74
C TYR A 76 -0.46 9.87 3.28
N CYS A 77 0.11 11.04 2.96
CA CYS A 77 0.41 11.41 1.56
C CYS A 77 1.49 10.47 0.99
N ARG A 78 2.53 10.20 1.78
CA ARG A 78 3.65 9.39 1.30
C ARG A 78 3.29 7.95 1.01
N CYS A 79 2.34 7.39 1.81
CA CYS A 79 1.92 6.00 1.65
C CYS A 79 0.67 5.87 0.76
N HIS A 80 0.02 7.01 0.41
CA HIS A 80 -1.17 7.06 -0.43
C HIS A 80 -2.30 6.31 0.26
N ILE A 81 -2.46 6.58 1.56
CA ILE A 81 -3.47 5.92 2.39
C ILE A 81 -4.45 6.98 2.94
N ASP A 82 -5.51 6.53 3.60
CA ASP A 82 -6.50 7.45 4.19
C ASP A 82 -5.93 8.32 5.24
N HIS A 83 -6.38 9.58 5.27
CA HIS A 83 -5.97 10.50 6.33
C HIS A 83 -6.90 10.33 7.49
N PRO A 84 -6.41 10.47 8.72
CA PRO A 84 -7.31 10.31 9.88
C PRO A 84 -8.15 11.56 10.21
N ASN A 85 -8.20 12.56 9.32
CA ASN A 85 -9.04 13.74 9.48
C ASN A 85 -10.54 13.37 9.26
N PRO A 86 -11.53 14.11 9.81
CA PRO A 86 -12.94 13.69 9.65
C PRO A 86 -13.37 13.44 8.19
N LYS A 87 -13.12 14.39 7.28
CA LYS A 87 -13.48 14.20 5.86
C LYS A 87 -12.37 13.56 5.01
N GLY A 88 -11.32 13.06 5.64
CA GLY A 88 -10.23 12.38 4.94
C GLY A 88 -9.32 13.29 4.13
N PHE A 89 -9.35 14.60 4.41
CA PHE A 89 -8.52 15.57 3.68
C PHE A 89 -7.26 15.91 4.47
N CYS A 90 -6.21 16.35 3.77
CA CYS A 90 -4.93 16.62 4.41
C CYS A 90 -4.76 18.07 4.79
N ASP A 91 -4.13 18.34 5.94
CA ASP A 91 -3.85 19.72 6.35
C ASP A 91 -2.45 20.20 5.94
N LEU A 92 -1.59 19.30 5.46
CA LEU A 92 -0.22 19.68 5.06
C LEU A 92 -0.09 19.79 3.53
N LYS A 93 -0.74 18.89 2.77
CA LYS A 93 -0.67 18.99 1.29
C LYS A 93 -1.21 20.33 0.80
N GLY A 94 -0.42 21.00 -0.04
CA GLY A 94 -0.75 22.32 -0.58
C GLY A 94 -0.20 23.47 0.26
N LYS A 95 0.52 23.15 1.34
CA LYS A 95 1.17 24.14 2.17
C LYS A 95 2.67 23.79 2.31
N TYR A 96 3.43 24.67 2.94
CA TYR A 96 4.81 24.41 3.34
C TYR A 96 4.78 24.18 4.83
N VAL A 97 5.63 23.27 5.31
CA VAL A 97 5.69 22.97 6.73
C VAL A 97 7.09 23.30 7.24
N GLN A 98 7.16 24.06 8.34
CA GLN A 98 8.43 24.44 8.94
C GLN A 98 8.76 23.40 10.02
N ILE A 99 9.98 22.86 9.97
CA ILE A 99 10.40 21.80 10.89
C ILE A 99 11.64 22.27 11.62
N PRO A 100 11.72 22.15 12.95
CA PRO A 100 12.95 22.55 13.66
C PRO A 100 14.16 21.83 13.06
N THR A 101 15.26 22.55 12.85
N THR A 101 15.28 22.55 12.83
CA THR A 101 16.45 21.96 12.24
CA THR A 101 16.47 21.96 12.18
C THR A 101 16.94 20.73 12.97
C THR A 101 17.00 20.76 12.97
N THR A 102 16.80 20.72 14.29
CA THR A 102 17.24 19.55 15.10
C THR A 102 16.41 18.28 14.78
N CYS A 103 15.23 18.45 14.19
CA CYS A 103 14.34 17.34 13.83
C CYS A 103 14.25 17.11 12.32
N ALA A 104 14.99 17.87 11.51
CA ALA A 104 14.85 17.84 10.06
C ALA A 104 15.35 16.57 9.40
N ASN A 105 16.00 15.67 10.15
CA ASN A 105 16.39 14.37 9.60
C ASN A 105 15.14 13.46 9.47
N ASP A 106 14.04 13.78 10.17
CA ASP A 106 12.84 12.94 10.08
C ASP A 106 11.58 13.83 10.11
N PRO A 107 11.35 14.57 9.00
CA PRO A 107 10.16 15.45 8.94
C PRO A 107 8.85 14.69 9.06
N VAL A 108 8.77 13.49 8.46
CA VAL A 108 7.49 12.73 8.58
C VAL A 108 7.18 12.37 10.03
N GLY A 109 8.19 11.88 10.75
CA GLY A 109 8.00 11.53 12.16
C GLY A 109 7.71 12.76 12.99
N PHE A 110 8.32 13.90 12.61
CA PHE A 110 8.07 15.14 13.34
C PHE A 110 6.60 15.53 13.26
N THR A 111 6.02 15.52 12.04
CA THR A 111 4.62 15.94 11.91
C THR A 111 3.67 14.96 12.58
N LEU A 112 4.03 13.68 12.63
CA LEU A 112 3.19 12.67 13.30
C LEU A 112 3.17 12.91 14.81
N LYS A 113 4.29 13.27 15.39
CA LYS A 113 4.40 13.41 16.85
C LYS A 113 3.97 14.73 17.41
N ASN A 114 3.91 15.77 16.58
CA ASN A 114 3.70 17.12 17.09
C ASN A 114 2.37 17.80 16.72
N THR A 115 2.04 18.90 17.44
CA THR A 115 0.79 19.61 17.30
C THR A 115 0.99 21.10 17.12
N VAL A 116 0.20 21.74 16.24
CA VAL A 116 0.29 23.17 15.98
C VAL A 116 -0.66 23.88 16.90
N CYS A 117 -0.19 24.95 17.52
CA CYS A 117 -1.07 25.76 18.37
C CYS A 117 -2.00 26.54 17.45
N THR A 118 -3.34 26.53 17.71
CA THR A 118 -4.26 27.28 16.86
C THR A 118 -4.28 28.77 17.16
N VAL A 119 -3.74 29.19 18.31
CA VAL A 119 -3.75 30.60 18.68
C VAL A 119 -2.61 31.34 18.00
N CYS A 120 -1.38 30.85 18.14
CA CYS A 120 -0.21 31.55 17.59
C CYS A 120 0.33 30.96 16.27
N GLY A 121 -0.15 29.79 15.90
CA GLY A 121 0.31 29.15 14.66
C GLY A 121 1.66 28.45 14.71
N MET A 122 2.32 28.41 15.85
CA MET A 122 3.62 27.75 15.98
C MET A 122 3.55 26.36 16.62
N TRP A 123 4.59 25.50 16.42
CA TRP A 123 4.51 24.14 17.00
C TRP A 123 4.55 24.20 18.51
N LYS A 124 3.70 23.39 19.20
CA LYS A 124 3.76 23.28 20.66
C LYS A 124 5.11 22.67 21.05
N GLY A 125 5.83 23.32 21.95
CA GLY A 125 7.14 22.87 22.40
C GLY A 125 8.30 23.30 21.51
N TYR A 126 8.00 23.86 20.32
CA TYR A 126 8.99 24.29 19.34
C TYR A 126 8.64 25.67 18.76
N GLY A 127 8.29 26.59 19.64
CA GLY A 127 7.99 27.95 19.23
C GLY A 127 6.73 28.57 19.81
N CYS A 128 5.76 27.74 20.22
CA CYS A 128 4.50 28.27 20.75
C CYS A 128 4.70 29.25 21.90
N SER A 129 4.13 30.45 21.73
CA SER A 129 4.22 31.56 22.66
C SER A 129 3.04 31.66 23.64
N CYS A 130 2.18 30.62 23.72
CA CYS A 130 0.99 30.69 24.59
C CYS A 130 1.23 30.22 26.03
N ASP A 131 1.85 29.06 26.23
CA ASP A 131 2.04 28.50 27.58
C ASP A 131 3.15 29.16 28.38
N ASN B 4 18.94 6.03 -8.81
CA ASN B 4 18.21 4.83 -8.42
C ASN B 4 16.76 5.13 -8.00
N VAL B 5 15.84 4.49 -8.69
CA VAL B 5 14.42 4.68 -8.43
C VAL B 5 13.71 3.32 -8.32
N THR B 6 12.49 3.32 -7.77
CA THR B 6 11.68 2.11 -7.74
C THR B 6 10.37 2.38 -8.52
N GLY B 7 9.72 1.31 -8.95
CA GLY B 7 8.40 1.43 -9.56
C GLY B 7 7.26 1.56 -8.55
N LEU B 8 7.56 1.35 -7.23
CA LEU B 8 6.51 1.47 -6.20
C LEU B 8 6.07 2.89 -6.14
N PHE B 9 4.74 3.11 -6.24
CA PHE B 9 4.15 4.44 -6.21
C PHE B 9 4.54 5.28 -7.45
N LYS B 10 4.80 4.58 -8.58
CA LYS B 10 5.08 5.28 -9.83
C LYS B 10 3.83 6.09 -10.23
N ASP B 11 4.03 7.33 -10.68
CA ASP B 11 2.92 8.15 -11.14
C ASP B 11 2.57 7.72 -12.57
N CYS B 12 1.39 7.18 -12.74
CA CYS B 12 0.92 6.67 -14.05
C CYS B 12 0.11 7.65 -14.83
N SER B 13 0.03 8.92 -14.39
CA SER B 13 -0.74 9.90 -15.16
C SER B 13 -0.02 10.21 -16.50
N LYS B 14 -0.74 10.87 -17.40
CA LYS B 14 -0.16 11.30 -18.67
C LYS B 14 0.23 12.79 -18.64
N VAL B 15 0.17 13.46 -17.46
CA VAL B 15 0.55 14.86 -17.35
C VAL B 15 2.05 14.95 -17.58
N ILE B 16 2.46 15.84 -18.48
CA ILE B 16 3.86 15.99 -18.87
C ILE B 16 4.75 16.51 -17.75
N THR B 17 4.22 17.42 -16.97
CA THR B 17 4.96 18.05 -15.90
C THR B 17 4.77 17.34 -14.55
N GLY B 18 5.68 17.64 -13.63
CA GLY B 18 5.62 17.16 -12.26
C GLY B 18 4.75 18.07 -11.42
N LEU B 19 4.87 17.94 -10.09
CA LEU B 19 4.00 18.66 -9.18
C LEU B 19 4.63 19.92 -8.55
N HIS B 20 3.77 20.76 -8.01
CA HIS B 20 4.16 21.94 -7.24
C HIS B 20 4.88 21.45 -5.97
N PRO B 21 5.93 22.15 -5.46
CA PRO B 21 6.60 21.65 -4.23
C PRO B 21 5.67 21.34 -3.06
N THR B 22 4.53 22.08 -2.90
CA THR B 22 3.64 21.80 -1.76
C THR B 22 2.79 20.56 -1.95
N GLN B 23 2.65 20.07 -3.20
CA GLN B 23 1.74 18.97 -3.52
C GLN B 23 2.45 17.67 -3.87
N ALA B 24 3.69 17.76 -4.32
CA ALA B 24 4.45 16.57 -4.68
C ALA B 24 4.71 15.70 -3.46
N PRO B 25 4.43 14.40 -3.48
CA PRO B 25 4.75 13.58 -2.29
C PRO B 25 6.28 13.48 -2.06
N THR B 26 7.10 13.66 -3.11
CA THR B 26 8.53 13.43 -3.02
C THR B 26 9.33 14.45 -3.81
N HIS B 27 10.65 14.53 -3.52
CA HIS B 27 11.52 15.41 -4.31
C HIS B 27 11.52 14.96 -5.78
N LEU B 28 11.58 13.64 -6.06
CA LEU B 28 11.55 13.19 -7.47
C LEU B 28 10.33 13.69 -8.21
N SER B 29 9.16 13.69 -7.55
CA SER B 29 7.90 14.08 -8.19
C SER B 29 7.73 15.59 -8.37
N VAL B 30 8.58 16.44 -7.74
CA VAL B 30 8.48 17.89 -7.97
C VAL B 30 8.87 18.17 -9.44
N ASP B 31 8.18 19.12 -10.10
CA ASP B 31 8.54 19.46 -11.48
C ASP B 31 9.95 20.05 -11.52
N THR B 32 10.66 19.75 -12.61
N THR B 32 10.70 19.74 -12.62
CA THR B 32 12.03 20.21 -12.83
CA THR B 32 12.07 20.25 -12.82
C THR B 32 12.17 21.73 -12.67
C THR B 32 12.18 21.76 -12.69
N LYS B 33 11.12 22.51 -13.03
CA LYS B 33 11.19 23.98 -12.98
C LYS B 33 11.48 24.53 -11.58
N PHE B 34 11.15 23.76 -10.53
CA PHE B 34 11.41 24.23 -9.17
C PHE B 34 12.75 23.77 -8.62
N LYS B 35 13.53 22.96 -9.36
CA LYS B 35 14.72 22.34 -8.80
C LYS B 35 15.97 23.14 -9.08
N THR B 36 16.73 23.45 -8.03
CA THR B 36 17.99 24.19 -8.22
C THR B 36 18.86 23.99 -7.00
N GLU B 37 20.19 24.04 -7.16
CA GLU B 37 21.11 24.00 -6.03
C GLU B 37 20.84 22.82 -5.05
N GLY B 38 20.53 21.68 -5.66
CA GLY B 38 20.34 20.44 -4.93
C GLY B 38 19.00 20.27 -4.26
N LEU B 39 18.23 21.35 -4.18
CA LEU B 39 16.92 21.30 -3.50
C LEU B 39 15.82 21.91 -4.38
N CYS B 40 14.72 22.43 -3.78
CA CYS B 40 13.61 23.03 -4.54
C CYS B 40 13.45 24.46 -4.06
N VAL B 41 12.83 25.28 -4.88
CA VAL B 41 12.49 26.65 -4.50
C VAL B 41 11.04 26.91 -4.79
N ASP B 42 10.43 27.78 -3.99
CA ASP B 42 9.08 28.24 -4.27
C ASP B 42 9.29 29.36 -5.29
N ILE B 43 8.50 29.34 -6.35
CA ILE B 43 8.60 30.39 -7.35
C ILE B 43 7.37 31.25 -7.28
N PRO B 44 7.49 32.53 -6.84
CA PRO B 44 6.30 33.40 -6.82
C PRO B 44 5.63 33.45 -8.18
N GLY B 45 4.32 33.36 -8.21
CA GLY B 45 3.56 33.43 -9.46
C GLY B 45 3.33 32.10 -10.15
N ILE B 46 3.92 31.00 -9.65
CA ILE B 46 3.72 29.68 -10.26
C ILE B 46 2.81 28.94 -9.29
N PRO B 47 1.55 28.76 -9.66
CA PRO B 47 0.58 28.25 -8.69
C PRO B 47 0.56 26.74 -8.53
N LYS B 48 -0.11 26.31 -7.48
CA LYS B 48 -0.42 24.90 -7.25
C LYS B 48 -1.47 24.52 -8.29
N ASP B 49 -1.62 23.21 -8.55
CA ASP B 49 -2.60 22.66 -9.46
C ASP B 49 -3.75 22.15 -8.61
N MET B 50 -4.94 22.78 -8.76
CA MET B 50 -6.05 22.40 -7.91
C MET B 50 -7.07 21.43 -8.49
N THR B 51 -6.78 20.78 -9.64
CA THR B 51 -7.75 19.84 -10.20
C THR B 51 -7.21 18.48 -10.64
N TYR B 52 -5.95 18.15 -10.29
CA TYR B 52 -5.36 16.92 -10.82
C TYR B 52 -5.88 15.64 -10.21
N ARG B 53 -5.77 14.56 -11.01
CA ARG B 53 -6.06 13.20 -10.59
C ARG B 53 -4.92 12.34 -11.17
N ARG B 54 -3.99 11.91 -10.29
CA ARG B 54 -2.81 11.20 -10.74
C ARG B 54 -2.82 9.77 -10.20
N LEU B 55 -3.00 8.77 -11.07
CA LEU B 55 -3.03 7.37 -10.61
C LEU B 55 -1.65 6.97 -10.13
N ILE B 56 -1.59 6.35 -8.93
CA ILE B 56 -0.31 5.94 -8.32
C ILE B 56 -0.25 4.43 -8.29
N SER B 57 0.80 3.86 -8.87
CA SER B 57 0.93 2.41 -8.97
C SER B 57 1.21 1.76 -7.64
N MET B 58 0.51 0.65 -7.36
CA MET B 58 0.76 -0.15 -6.17
C MET B 58 1.57 -1.42 -6.50
N MET B 59 2.33 -1.43 -7.62
CA MET B 59 3.16 -2.56 -7.97
C MET B 59 4.54 -2.35 -7.37
N GLY B 60 5.06 -3.36 -6.68
CA GLY B 60 6.43 -3.27 -6.16
C GLY B 60 6.57 -3.18 -4.65
N PHE B 61 5.56 -3.69 -3.91
CA PHE B 61 5.70 -3.69 -2.43
C PHE B 61 6.86 -4.61 -2.01
N LYS B 62 7.51 -4.27 -0.91
CA LYS B 62 8.64 -5.07 -0.37
C LYS B 62 8.34 -5.30 1.08
N MET B 63 7.94 -6.53 1.45
CA MET B 63 7.54 -6.78 2.83
C MET B 63 8.69 -7.42 3.60
N ASN B 64 9.87 -6.84 3.48
CA ASN B 64 11.09 -7.40 4.11
C ASN B 64 11.50 -6.66 5.36
N TYR B 65 10.55 -6.07 6.05
CA TYR B 65 10.85 -5.38 7.30
C TYR B 65 11.05 -6.40 8.42
N GLN B 66 11.67 -5.97 9.53
CA GLN B 66 11.88 -6.81 10.70
C GLN B 66 11.60 -5.86 11.83
N VAL B 67 10.34 -5.85 12.27
CA VAL B 67 9.90 -4.93 13.32
C VAL B 67 9.40 -5.73 14.48
N ASN B 68 9.92 -5.42 15.68
CA ASN B 68 9.51 -6.16 16.87
C ASN B 68 8.00 -6.22 17.07
N GLY B 69 7.48 -7.44 17.23
CA GLY B 69 6.07 -7.61 17.53
C GLY B 69 5.17 -7.74 16.31
N TYR B 70 5.72 -7.51 15.12
CA TYR B 70 4.95 -7.69 13.90
C TYR B 70 5.44 -8.98 13.23
N PRO B 71 4.52 -9.90 12.93
CA PRO B 71 4.95 -11.17 12.34
C PRO B 71 5.39 -11.02 10.89
N ASN B 72 6.18 -11.96 10.41
CA ASN B 72 6.59 -11.98 9.01
C ASN B 72 5.36 -12.39 8.19
N MET B 73 5.13 -11.79 7.04
CA MET B 73 4.03 -12.17 6.14
C MET B 73 4.50 -13.38 5.33
N PHE B 74 5.70 -13.31 4.75
CA PHE B 74 6.25 -14.42 3.96
C PHE B 74 6.94 -15.39 4.89
N ILE B 75 6.62 -16.67 4.76
CA ILE B 75 7.15 -17.68 5.68
C ILE B 75 7.98 -18.73 4.93
N THR B 76 8.80 -19.50 5.68
CA THR B 76 9.63 -20.50 5.06
C THR B 76 8.82 -21.70 4.65
N ARG B 77 9.39 -22.53 3.75
CA ARG B 77 8.75 -23.77 3.37
C ARG B 77 8.45 -24.67 4.59
N GLU B 78 9.40 -24.76 5.56
CA GLU B 78 9.20 -25.60 6.74
C GLU B 78 8.00 -25.12 7.58
N GLU B 79 7.90 -23.79 7.79
CA GLU B 79 6.77 -23.25 8.54
C GLU B 79 5.47 -23.49 7.77
N ALA B 80 5.50 -23.29 6.44
CA ALA B 80 4.28 -23.50 5.63
C ALA B 80 3.82 -24.93 5.72
N ILE B 81 4.76 -25.88 5.73
CA ILE B 81 4.40 -27.29 5.81
C ILE B 81 3.68 -27.60 7.09
N ARG B 82 4.15 -27.06 8.24
CA ARG B 82 3.44 -27.27 9.50
C ARG B 82 2.00 -26.74 9.45
N HIS B 83 1.75 -25.71 8.60
CA HIS B 83 0.41 -25.12 8.51
C HIS B 83 -0.28 -25.44 7.21
N VAL B 84 -0.07 -26.67 6.70
CA VAL B 84 -0.74 -27.06 5.46
C VAL B 84 -2.29 -26.91 5.53
N ARG B 85 -2.89 -27.11 6.73
CA ARG B 85 -4.36 -26.94 6.82
C ARG B 85 -4.82 -25.51 6.55
N ALA B 86 -3.91 -24.55 6.70
CA ALA B 86 -4.20 -23.14 6.46
C ALA B 86 -3.97 -22.73 5.02
N TRP B 87 -3.48 -23.63 4.13
CA TRP B 87 -3.18 -23.25 2.75
C TRP B 87 -4.36 -22.93 1.90
N ILE B 88 -4.34 -21.74 1.30
CA ILE B 88 -5.34 -21.33 0.35
C ILE B 88 -4.56 -20.82 -0.86
N GLY B 89 -4.67 -21.49 -2.01
CA GLY B 89 -4.03 -21.00 -3.24
C GLY B 89 -4.70 -19.68 -3.62
N PHE B 90 -3.93 -18.74 -4.16
CA PHE B 90 -4.49 -17.45 -4.53
C PHE B 90 -3.78 -16.93 -5.78
N ASP B 91 -4.60 -16.52 -6.76
CA ASP B 91 -4.11 -15.95 -7.99
C ASP B 91 -5.05 -14.80 -8.37
N VAL B 92 -4.47 -13.78 -9.06
CA VAL B 92 -5.30 -12.66 -9.51
C VAL B 92 -5.01 -12.37 -10.98
N GLU B 93 -6.07 -12.22 -11.75
CA GLU B 93 -5.95 -11.77 -13.14
C GLU B 93 -6.24 -10.26 -13.12
N GLY B 94 -5.38 -9.49 -13.73
CA GLY B 94 -5.52 -8.04 -13.73
C GLY B 94 -6.00 -7.44 -15.03
N CYS B 95 -6.38 -6.17 -14.96
CA CYS B 95 -6.68 -5.36 -16.12
C CYS B 95 -5.73 -4.16 -16.07
N HIS B 96 -5.55 -3.50 -17.20
CA HIS B 96 -4.59 -2.42 -17.32
C HIS B 96 -5.19 -1.08 -17.24
N ALA B 97 -4.50 -0.15 -16.57
CA ALA B 97 -4.96 1.26 -16.58
C ALA B 97 -4.90 1.80 -18.01
N THR B 98 -5.91 2.58 -18.39
CA THR B 98 -5.95 3.18 -19.71
CA THR B 98 -6.00 3.16 -19.73
C THR B 98 -6.54 4.60 -19.62
N ARG B 99 -6.52 5.36 -20.78
CA ARG B 99 -7.08 6.68 -20.92
C ARG B 99 -6.38 7.73 -20.06
N GLU B 100 -6.90 8.09 -18.89
CA GLU B 100 -6.27 9.10 -18.03
C GLU B 100 -4.98 8.64 -17.37
N ALA B 101 -4.63 7.35 -17.50
CA ALA B 101 -3.43 6.79 -16.90
C ALA B 101 -2.93 5.58 -17.69
N VAL B 102 -1.66 5.26 -17.57
CA VAL B 102 -1.07 4.08 -18.20
C VAL B 102 0.16 3.66 -17.40
N GLY B 103 0.36 2.34 -17.27
CA GLY B 103 1.55 1.79 -16.64
C GLY B 103 1.36 0.99 -15.37
N THR B 104 0.12 0.56 -15.07
CA THR B 104 -0.12 -0.25 -13.87
C THR B 104 -1.27 -1.21 -14.08
N ASN B 105 -1.28 -2.27 -13.26
CA ASN B 105 -2.25 -3.38 -13.31
C ASN B 105 -3.17 -3.21 -12.11
N LEU B 106 -4.46 -3.43 -12.33
CA LEU B 106 -5.50 -3.35 -11.29
C LEU B 106 -6.13 -4.73 -11.15
N PRO B 107 -6.49 -5.15 -9.92
CA PRO B 107 -7.10 -6.48 -9.76
C PRO B 107 -8.47 -6.55 -10.46
N LEU B 108 -8.74 -7.63 -11.17
CA LEU B 108 -10.02 -7.80 -11.84
C LEU B 108 -10.65 -9.10 -11.34
N GLN B 109 -9.99 -10.26 -11.51
CA GLN B 109 -10.57 -11.53 -11.07
C GLN B 109 -9.67 -12.15 -10.01
N LEU B 110 -10.20 -12.24 -8.80
CA LEU B 110 -9.48 -12.80 -7.66
C LEU B 110 -9.94 -14.23 -7.46
N GLY B 111 -9.01 -15.16 -7.60
CA GLY B 111 -9.32 -16.59 -7.53
C GLY B 111 -8.64 -17.32 -6.40
N PHE B 112 -9.35 -18.32 -5.83
CA PHE B 112 -8.86 -19.05 -4.66
C PHE B 112 -8.99 -20.54 -4.89
N SER B 113 -8.19 -21.33 -4.15
CA SER B 113 -8.23 -22.81 -4.28
C SER B 113 -9.54 -23.42 -3.79
N THR B 114 -10.41 -22.62 -3.17
CA THR B 114 -11.76 -23.03 -2.82
C THR B 114 -12.65 -23.13 -4.08
N GLY B 115 -12.16 -22.66 -5.24
CA GLY B 115 -12.91 -22.63 -6.48
C GLY B 115 -13.67 -21.33 -6.67
N VAL B 116 -13.57 -20.38 -5.72
CA VAL B 116 -14.26 -19.11 -5.80
C VAL B 116 -13.48 -18.12 -6.66
N ASN B 117 -14.21 -17.39 -7.52
CA ASN B 117 -13.67 -16.25 -8.28
C ASN B 117 -14.54 -15.06 -7.91
N LEU B 118 -13.90 -13.97 -7.47
CA LEU B 118 -14.61 -12.75 -7.18
C LEU B 118 -14.16 -11.73 -8.19
N VAL B 119 -15.10 -10.93 -8.73
CA VAL B 119 -14.72 -9.93 -9.75
C VAL B 119 -14.84 -8.55 -9.15
N ALA B 120 -13.80 -7.71 -9.29
CA ALA B 120 -13.85 -6.38 -8.73
C ALA B 120 -13.99 -5.35 -9.81
N VAL B 121 -14.63 -4.20 -9.45
CA VAL B 121 -14.61 -3.04 -10.35
C VAL B 121 -13.13 -2.59 -10.44
N PRO B 122 -12.61 -2.26 -11.62
CA PRO B 122 -11.23 -1.76 -11.71
C PRO B 122 -11.04 -0.50 -10.87
N THR B 123 -10.22 -0.59 -9.79
CA THR B 123 -10.10 0.49 -8.83
C THR B 123 -8.63 0.77 -8.55
N GLY B 124 -8.29 2.04 -8.40
CA GLY B 124 -6.92 2.43 -8.17
C GLY B 124 -6.80 3.51 -7.14
N TYR B 125 -5.56 3.87 -6.87
CA TYR B 125 -5.25 4.88 -5.85
C TYR B 125 -4.89 6.16 -6.57
N VAL B 126 -5.81 7.13 -6.57
CA VAL B 126 -5.61 8.35 -7.35
C VAL B 126 -5.26 9.51 -6.44
N ASP B 127 -4.06 10.08 -6.57
CA ASP B 127 -3.69 11.24 -5.77
C ASP B 127 -4.40 12.48 -6.30
N THR B 128 -4.86 13.30 -5.37
CA THR B 128 -5.52 14.55 -5.74
C THR B 128 -4.87 15.66 -4.92
N PRO B 129 -5.34 16.90 -5.11
CA PRO B 129 -4.80 18.01 -4.28
C PRO B 129 -5.07 17.87 -2.79
N ASN B 130 -6.04 16.99 -2.39
CA ASN B 130 -6.45 16.93 -1.00
C ASN B 130 -6.20 15.62 -0.29
N ASN B 131 -6.02 14.54 -1.06
CA ASN B 131 -5.94 13.21 -0.45
C ASN B 131 -5.56 12.19 -1.51
N THR B 132 -5.67 10.88 -1.17
CA THR B 132 -5.60 9.84 -2.18
C THR B 132 -7.02 9.31 -2.28
N ASP B 133 -7.60 9.33 -3.47
CA ASP B 133 -8.96 8.87 -3.69
C ASP B 133 -8.92 7.44 -4.19
N PHE B 134 -9.41 6.49 -3.39
CA PHE B 134 -9.45 5.09 -3.78
C PHE B 134 -10.73 5.02 -4.61
N SER B 135 -10.59 4.85 -5.92
CA SER B 135 -11.75 5.01 -6.79
C SER B 135 -11.70 4.22 -8.07
N ARG B 136 -12.87 4.07 -8.73
CA ARG B 136 -12.92 3.39 -10.03
C ARG B 136 -12.06 4.17 -11.03
N VAL B 137 -11.30 3.46 -11.86
CA VAL B 137 -10.44 4.05 -12.86
C VAL B 137 -10.70 3.39 -14.19
N SER B 138 -10.39 4.10 -15.28
CA SER B 138 -10.54 3.52 -16.62
C SER B 138 -9.57 2.35 -16.78
N ALA B 139 -10.08 1.23 -17.33
CA ALA B 139 -9.21 0.07 -17.51
C ALA B 139 -9.64 -0.81 -18.69
N LYS B 140 -8.76 -1.69 -19.16
CA LYS B 140 -9.12 -2.65 -20.19
C LYS B 140 -8.36 -3.95 -19.93
N PRO B 141 -8.91 -5.09 -20.35
CA PRO B 141 -8.16 -6.35 -20.21
C PRO B 141 -6.90 -6.30 -21.07
N PRO B 142 -5.83 -7.07 -20.76
CA PRO B 142 -4.66 -7.09 -21.65
C PRO B 142 -5.07 -7.69 -23.01
N PRO B 143 -4.42 -7.28 -24.12
CA PRO B 143 -4.76 -7.87 -25.43
C PRO B 143 -4.20 -9.29 -25.59
N GLY B 144 -4.86 -10.12 -26.38
CA GLY B 144 -4.41 -11.49 -26.59
C GLY B 144 -5.51 -12.51 -26.34
N ASP B 145 -5.52 -13.60 -27.14
CA ASP B 145 -6.53 -14.65 -27.04
C ASP B 145 -6.57 -15.33 -25.67
N GLN B 146 -5.44 -15.36 -24.97
CA GLN B 146 -5.36 -15.98 -23.65
C GLN B 146 -6.08 -15.14 -22.57
N PHE B 147 -6.35 -13.84 -22.83
CA PHE B 147 -7.02 -12.93 -21.91
C PHE B 147 -8.45 -12.55 -22.35
N LYS B 148 -8.99 -13.19 -23.42
CA LYS B 148 -10.32 -12.92 -23.94
C LYS B 148 -11.44 -13.14 -22.92
N HIS B 149 -11.30 -14.15 -22.07
CA HIS B 149 -12.31 -14.44 -21.05
C HIS B 149 -12.54 -13.28 -20.06
N LEU B 150 -11.57 -12.38 -19.92
CA LEU B 150 -11.69 -11.25 -19.00
C LEU B 150 -12.58 -10.12 -19.54
N ILE B 151 -12.83 -10.10 -20.87
CA ILE B 151 -13.65 -9.05 -21.45
C ILE B 151 -15.03 -8.87 -20.77
N PRO B 152 -15.87 -9.91 -20.58
CA PRO B 152 -17.17 -9.69 -19.94
C PRO B 152 -17.07 -9.29 -18.46
N LEU B 153 -15.94 -9.63 -17.82
CA LEU B 153 -15.73 -9.28 -16.41
C LEU B 153 -15.58 -7.79 -16.17
N MET B 154 -15.15 -7.03 -17.19
CA MET B 154 -15.03 -5.57 -17.06
C MET B 154 -16.32 -4.88 -16.67
N TYR B 155 -17.50 -5.53 -16.87
CA TYR B 155 -18.75 -4.88 -16.47
C TYR B 155 -19.56 -5.71 -15.42
N LYS B 156 -18.96 -6.75 -14.83
CA LYS B 156 -19.60 -7.57 -13.79
C LYS B 156 -18.94 -7.39 -12.40
N GLY B 157 -18.09 -6.39 -12.24
CA GLY B 157 -17.39 -6.19 -10.99
C GLY B 157 -18.24 -5.66 -9.85
N LEU B 158 -17.80 -5.98 -8.65
CA LEU B 158 -18.39 -5.48 -7.44
C LEU B 158 -17.45 -4.43 -6.83
N PRO B 159 -18.00 -3.44 -6.11
CA PRO B 159 -17.14 -2.45 -5.46
C PRO B 159 -16.23 -3.15 -4.42
N TRP B 160 -15.01 -2.65 -4.23
CA TRP B 160 -14.08 -3.28 -3.31
C TRP B 160 -14.58 -3.42 -1.89
N ASN B 161 -15.45 -2.48 -1.43
CA ASN B 161 -15.98 -2.62 -0.06
C ASN B 161 -16.81 -3.90 0.09
N VAL B 162 -17.44 -4.37 -1.02
CA VAL B 162 -18.18 -5.61 -1.02
C VAL B 162 -17.26 -6.81 -1.24
N VAL B 163 -16.29 -6.69 -2.16
CA VAL B 163 -15.39 -7.81 -2.45
C VAL B 163 -14.60 -8.22 -1.20
N ARG B 164 -14.07 -7.25 -0.44
CA ARG B 164 -13.26 -7.61 0.74
C ARG B 164 -14.12 -8.29 1.81
N ILE B 165 -15.39 -7.85 2.03
CA ILE B 165 -16.25 -8.59 2.96
C ILE B 165 -16.44 -10.06 2.49
N LYS B 166 -16.62 -10.26 1.19
CA LYS B 166 -16.80 -11.63 0.66
C LYS B 166 -15.55 -12.48 0.83
N ILE B 167 -14.35 -11.86 0.63
CA ILE B 167 -13.10 -12.61 0.87
C ILE B 167 -13.01 -13.06 2.33
N VAL B 168 -13.28 -12.14 3.29
CA VAL B 168 -13.18 -12.50 4.70
C VAL B 168 -14.19 -13.60 5.03
N GLN B 169 -15.42 -13.50 4.48
CA GLN B 169 -16.43 -14.51 4.79
C GLN B 169 -16.02 -15.87 4.24
N MET B 170 -15.52 -15.91 3.02
CA MET B 170 -15.10 -17.16 2.38
C MET B 170 -13.94 -17.81 3.17
N LEU B 171 -12.90 -16.99 3.52
CA LEU B 171 -11.78 -17.56 4.28
C LEU B 171 -12.25 -18.07 5.65
N SER B 172 -13.15 -17.30 6.31
CA SER B 172 -13.62 -17.67 7.64
C SER B 172 -14.39 -19.00 7.58
N ASP B 173 -15.28 -19.13 6.60
CA ASP B 173 -16.08 -20.35 6.45
C ASP B 173 -15.19 -21.54 6.16
N THR B 174 -14.18 -21.34 5.30
CA THR B 174 -13.29 -22.45 4.92
C THR B 174 -12.33 -22.86 6.05
N LEU B 175 -11.75 -21.88 6.77
CA LEU B 175 -10.69 -22.17 7.74
C LEU B 175 -11.02 -22.25 9.23
N LYS B 176 -12.22 -21.83 9.64
CA LYS B 176 -12.50 -21.72 11.09
C LYS B 176 -12.30 -23.04 11.84
N ASN B 177 -12.54 -24.16 11.18
CA ASN B 177 -12.32 -25.46 11.85
C ASN B 177 -11.02 -26.17 11.44
N LEU B 178 -10.19 -25.51 10.64
CA LEU B 178 -8.94 -26.07 10.14
C LEU B 178 -7.71 -25.38 10.71
N SER B 179 -7.74 -24.04 10.92
CA SER B 179 -6.52 -23.36 11.35
C SER B 179 -6.79 -22.06 12.08
N ASP B 180 -5.80 -21.57 12.84
CA ASP B 180 -5.88 -20.26 13.49
C ASP B 180 -5.33 -19.15 12.54
N ARG B 181 -5.03 -19.47 11.29
CA ARG B 181 -4.43 -18.50 10.37
C ARG B 181 -4.79 -18.85 8.95
N VAL B 182 -4.27 -18.04 8.00
CA VAL B 182 -4.34 -18.40 6.57
C VAL B 182 -2.91 -18.33 6.05
N VAL B 183 -2.58 -19.24 5.13
CA VAL B 183 -1.29 -19.16 4.41
C VAL B 183 -1.68 -19.10 2.93
N PHE B 184 -1.54 -17.93 2.29
CA PHE B 184 -1.84 -17.84 0.85
C PHE B 184 -0.67 -18.46 0.13
N VAL B 185 -0.98 -19.45 -0.74
CA VAL B 185 0.02 -20.16 -1.52
C VAL B 185 0.03 -19.53 -2.90
N LEU B 186 1.16 -18.91 -3.26
CA LEU B 186 1.26 -18.10 -4.45
C LEU B 186 2.28 -18.64 -5.47
N TRP B 187 2.16 -18.20 -6.72
CA TRP B 187 3.16 -18.50 -7.75
C TRP B 187 3.47 -17.13 -8.38
N ALA B 188 4.69 -16.59 -8.24
CA ALA B 188 5.12 -15.26 -8.77
C ALA B 188 4.28 -14.21 -8.08
N HIS B 189 4.63 -13.92 -6.84
CA HIS B 189 3.76 -13.18 -5.91
C HIS B 189 3.52 -11.70 -6.09
N GLY B 190 4.28 -11.02 -6.93
CA GLY B 190 4.19 -9.57 -7.06
C GLY B 190 2.77 -8.99 -7.17
N PHE B 191 2.01 -9.47 -8.15
CA PHE B 191 0.66 -8.92 -8.36
C PHE B 191 -0.32 -9.41 -7.27
N GLU B 192 -0.04 -10.60 -6.66
CA GLU B 192 -0.91 -11.07 -5.59
C GLU B 192 -0.69 -10.16 -4.38
N LEU B 193 0.55 -9.75 -4.13
CA LEU B 193 0.85 -8.85 -3.02
C LEU B 193 0.24 -7.46 -3.27
N THR B 194 0.30 -6.95 -4.54
CA THR B 194 -0.36 -5.70 -4.90
C THR B 194 -1.88 -5.83 -4.64
N SER B 195 -2.47 -6.98 -5.00
CA SER B 195 -3.91 -7.17 -4.77
C SER B 195 -4.25 -7.22 -3.29
N MET B 196 -3.34 -7.79 -2.46
CA MET B 196 -3.61 -7.83 -1.03
C MET B 196 -3.71 -6.46 -0.42
N LYS B 197 -3.09 -5.42 -1.03
CA LYS B 197 -3.22 -4.06 -0.47
C LYS B 197 -4.72 -3.66 -0.35
N TYR B 198 -5.55 -4.23 -1.26
CA TYR B 198 -6.96 -3.89 -1.31
C TYR B 198 -7.78 -4.59 -0.20
N PHE B 199 -7.22 -5.64 0.46
CA PHE B 199 -8.07 -6.38 1.44
C PHE B 199 -7.36 -6.93 2.66
N VAL B 200 -6.07 -6.56 2.85
CA VAL B 200 -5.28 -7.03 3.98
C VAL B 200 -4.80 -5.85 4.80
N LYS B 201 -4.77 -6.01 6.13
CA LYS B 201 -4.15 -5.05 7.02
C LYS B 201 -3.20 -5.88 7.92
N ILE B 202 -2.16 -5.21 8.42
CA ILE B 202 -1.18 -5.85 9.30
C ILE B 202 -0.97 -5.05 10.57
N GLY B 203 -0.39 -5.71 11.55
CA GLY B 203 -0.03 -5.07 12.80
C GLY B 203 0.55 -6.11 13.72
N PRO B 204 0.66 -5.73 14.98
CA PRO B 204 1.16 -6.72 15.96
C PRO B 204 0.14 -7.86 16.11
N GLU B 205 0.58 -9.03 16.59
CA GLU B 205 -0.33 -10.14 16.85
C GLU B 205 -1.37 -9.70 17.89
N ARG B 206 -2.63 -9.95 17.61
N ARG B 206 -2.63 -9.94 17.61
CA ARG B 206 -3.73 -9.57 18.48
CA ARG B 206 -3.74 -9.57 18.48
C ARG B 206 -4.61 -10.80 18.79
C ARG B 206 -4.61 -10.79 18.78
N THR B 207 -5.53 -10.67 19.74
CA THR B 207 -6.48 -11.74 20.03
C THR B 207 -7.84 -11.23 19.57
N CYS B 208 -8.74 -12.17 19.32
CA CYS B 208 -10.09 -11.91 18.93
C CYS B 208 -10.87 -11.06 19.99
N CYS B 209 -11.93 -10.35 19.55
CA CYS B 209 -12.78 -9.55 20.45
C CYS B 209 -13.73 -10.41 21.31
N LEU B 210 -13.91 -11.69 20.95
CA LEU B 210 -14.85 -12.58 21.63
C LEU B 210 -14.23 -13.87 22.18
N CYS B 211 -12.90 -14.04 22.07
CA CYS B 211 -12.23 -15.24 22.57
C CYS B 211 -10.71 -15.10 22.64
N ASP B 212 -10.01 -16.16 23.06
CA ASP B 212 -8.56 -16.18 23.21
C ASP B 212 -7.81 -16.48 21.92
N ARG B 213 -8.52 -16.79 20.83
CA ARG B 213 -7.88 -17.17 19.58
C ARG B 213 -7.16 -15.97 18.98
N ARG B 214 -6.10 -16.19 18.17
CA ARG B 214 -5.45 -15.06 17.51
C ARG B 214 -6.43 -14.43 16.49
N ALA B 215 -6.25 -13.12 16.28
CA ALA B 215 -7.10 -12.39 15.33
C ALA B 215 -6.57 -12.65 13.91
N THR B 216 -7.52 -12.96 13.03
CA THR B 216 -7.31 -13.22 11.60
C THR B 216 -8.04 -12.19 10.72
N CYS B 217 -8.91 -11.34 11.33
CA CYS B 217 -9.73 -10.38 10.62
C CYS B 217 -9.75 -9.04 11.38
N PHE B 218 -10.01 -7.97 10.65
CA PHE B 218 -10.12 -6.65 11.26
C PHE B 218 -11.37 -5.97 10.69
N SER B 219 -12.04 -5.15 11.53
CA SER B 219 -13.22 -4.41 11.07
C SER B 219 -12.98 -2.90 11.11
N THR B 220 -13.11 -2.23 9.97
CA THR B 220 -13.00 -0.75 9.95
C THR B 220 -14.27 -0.11 10.59
N ALA B 221 -15.35 -0.87 10.79
CA ALA B 221 -16.60 -0.34 11.39
C ALA B 221 -16.41 0.00 12.85
N SER B 222 -15.64 -0.82 13.58
CA SER B 222 -15.46 -0.64 15.01
C SER B 222 -14.00 -0.60 15.45
N ASP B 223 -13.04 -0.76 14.50
CA ASP B 223 -11.63 -0.87 14.86
C ASP B 223 -11.40 -2.03 15.84
N THR B 224 -12.02 -3.19 15.54
CA THR B 224 -11.91 -4.42 16.34
C THR B 224 -11.33 -5.56 15.52
N TYR B 225 -10.92 -6.62 16.25
CA TYR B 225 -10.25 -7.78 15.70
C TYR B 225 -11.04 -9.01 15.98
N ALA B 226 -11.00 -9.98 15.08
CA ALA B 226 -11.71 -11.24 15.26
C ALA B 226 -10.97 -12.41 14.67
N CYS B 227 -11.23 -13.60 15.23
CA CYS B 227 -10.75 -14.87 14.70
C CYS B 227 -11.72 -15.29 13.57
N TRP B 228 -11.47 -16.45 12.90
CA TRP B 228 -12.35 -16.91 11.82
C TRP B 228 -13.80 -17.22 12.29
N HIS B 229 -13.97 -17.56 13.59
CA HIS B 229 -15.31 -17.87 14.10
C HIS B 229 -16.16 -16.62 14.34
N HIS B 230 -15.51 -15.50 14.72
CA HIS B 230 -16.27 -14.32 15.12
C HIS B 230 -16.18 -13.15 14.17
N SER B 231 -15.85 -13.42 12.90
CA SER B 231 -15.59 -12.34 11.95
C SER B 231 -16.76 -11.90 11.11
N ILE B 232 -18.01 -12.32 11.41
CA ILE B 232 -19.12 -11.95 10.52
C ILE B 232 -19.22 -10.42 10.34
N GLY B 233 -19.31 -9.97 9.10
CA GLY B 233 -19.33 -8.53 8.80
C GLY B 233 -17.97 -7.85 8.70
N PHE B 234 -16.89 -8.54 9.10
CA PHE B 234 -15.53 -7.95 9.09
C PHE B 234 -15.06 -7.75 7.64
N ASP B 235 -14.32 -6.63 7.39
CA ASP B 235 -13.96 -6.30 6.01
C ASP B 235 -12.50 -6.54 5.62
N TYR B 236 -11.59 -6.72 6.57
CA TYR B 236 -10.18 -6.97 6.19
C TYR B 236 -9.59 -8.28 6.76
N VAL B 237 -8.71 -8.90 5.96
CA VAL B 237 -7.94 -10.05 6.42
C VAL B 237 -6.75 -9.43 7.21
N TYR B 238 -6.49 -9.90 8.41
CA TYR B 238 -5.49 -9.31 9.29
C TYR B 238 -4.34 -10.30 9.52
N ASN B 239 -3.10 -9.83 9.31
CA ASN B 239 -1.92 -10.69 9.48
C ASN B 239 -2.00 -12.05 8.83
N PRO B 240 -2.32 -12.09 7.53
CA PRO B 240 -2.20 -13.37 6.83
C PRO B 240 -0.73 -13.74 6.62
N PHE B 241 -0.49 -15.04 6.29
CA PHE B 241 0.85 -15.47 5.94
C PHE B 241 0.83 -15.90 4.48
N MET B 242 2.01 -16.06 3.89
CA MET B 242 2.07 -16.41 2.47
C MET B 242 3.41 -16.98 2.10
N ILE B 243 3.42 -17.71 0.97
CA ILE B 243 4.65 -18.29 0.48
C ILE B 243 4.57 -18.32 -1.04
N ASP B 244 5.71 -18.04 -1.69
CA ASP B 244 5.74 -18.08 -3.16
C ASP B 244 6.44 -19.40 -3.58
N VAL B 245 5.64 -20.34 -4.09
CA VAL B 245 6.01 -21.68 -4.51
C VAL B 245 7.06 -21.60 -5.62
N GLN B 246 6.96 -20.61 -6.51
CA GLN B 246 7.94 -20.44 -7.59
C GLN B 246 9.37 -20.32 -7.07
N GLN B 247 9.56 -19.77 -5.86
CA GLN B 247 10.89 -19.62 -5.28
C GLN B 247 11.50 -20.94 -4.80
N TRP B 248 10.80 -22.08 -4.93
CA TRP B 248 11.33 -23.37 -4.46
C TRP B 248 12.19 -24.15 -5.48
N GLY B 249 12.67 -23.45 -6.49
CA GLY B 249 13.55 -24.08 -7.47
C GLY B 249 12.92 -24.58 -8.75
N PHE B 250 11.66 -24.19 -9.02
CA PHE B 250 11.00 -24.58 -10.28
C PHE B 250 11.58 -23.73 -11.43
N THR B 251 11.52 -24.23 -12.70
CA THR B 251 12.11 -23.45 -13.81
C THR B 251 11.10 -22.84 -14.81
N GLY B 252 10.12 -23.61 -15.24
CA GLY B 252 9.16 -23.12 -16.23
C GLY B 252 7.92 -22.49 -15.61
N ASN B 253 6.80 -22.49 -16.35
CA ASN B 253 5.57 -21.88 -15.89
C ASN B 253 4.85 -22.74 -14.82
N LEU B 254 3.76 -22.20 -14.22
CA LEU B 254 3.01 -22.93 -13.19
C LEU B 254 2.47 -24.24 -13.71
N GLN B 255 1.75 -24.22 -14.83
CA GLN B 255 1.10 -25.40 -15.35
C GLN B 255 2.04 -26.53 -15.66
N SER B 256 3.22 -26.24 -16.24
CA SER B 256 4.17 -27.30 -16.59
C SER B 256 4.68 -28.01 -15.33
N ASN B 257 4.85 -27.26 -14.23
CA ASN B 257 5.34 -27.87 -12.99
C ASN B 257 4.24 -28.61 -12.25
N HIS B 258 3.02 -28.05 -12.27
CA HIS B 258 1.86 -28.70 -11.68
C HIS B 258 1.62 -30.08 -12.36
N ASP B 259 1.70 -30.10 -13.69
CA ASP B 259 1.42 -31.30 -14.48
C ASP B 259 2.42 -32.44 -14.28
N LEU B 260 3.59 -32.17 -13.69
CA LEU B 260 4.56 -33.23 -13.41
C LEU B 260 4.00 -34.22 -12.37
N TYR B 261 3.25 -33.71 -11.39
CA TYR B 261 2.68 -34.53 -10.34
C TYR B 261 1.21 -34.83 -10.50
N CYS B 262 0.48 -33.97 -11.23
CA CYS B 262 -0.96 -34.08 -11.27
C CYS B 262 -1.55 -34.00 -12.64
N GLN B 263 -2.64 -34.75 -12.84
CA GLN B 263 -3.36 -34.79 -14.12
C GLN B 263 -4.84 -34.45 -13.97
N VAL B 264 -5.40 -34.52 -12.75
CA VAL B 264 -6.83 -34.25 -12.51
C VAL B 264 -7.20 -32.77 -12.63
N HIS B 265 -6.22 -31.85 -12.52
CA HIS B 265 -6.52 -30.42 -12.63
C HIS B 265 -6.15 -29.86 -13.97
N GLY B 266 -7.05 -30.02 -14.94
CA GLY B 266 -6.86 -29.46 -16.27
C GLY B 266 -6.94 -27.94 -16.18
N ASN B 267 -6.18 -27.23 -17.04
CA ASN B 267 -6.18 -25.77 -17.00
C ASN B 267 -7.41 -25.20 -17.68
N ALA B 268 -8.38 -24.73 -16.87
CA ALA B 268 -9.58 -24.10 -17.43
C ALA B 268 -9.42 -22.58 -17.65
N HIS B 269 -8.18 -22.05 -17.52
CA HIS B 269 -7.78 -20.66 -17.77
C HIS B 269 -8.64 -19.62 -17.04
N VAL B 270 -8.46 -19.52 -15.71
CA VAL B 270 -9.21 -18.62 -14.84
C VAL B 270 -8.45 -18.50 -13.51
N ALA B 271 -8.58 -17.38 -12.79
CA ALA B 271 -7.84 -17.17 -11.54
C ALA B 271 -7.98 -18.32 -10.55
N SER B 272 -9.20 -18.85 -10.37
CA SER B 272 -9.38 -19.97 -9.42
C SER B 272 -8.65 -21.21 -9.85
N CYS B 273 -8.59 -21.49 -11.17
N CYS B 273 -8.61 -21.47 -11.16
CA CYS B 273 -7.86 -22.67 -11.64
CA CYS B 273 -7.90 -22.62 -11.68
C CYS B 273 -6.38 -22.52 -11.34
C CYS B 273 -6.40 -22.52 -11.43
N ASP B 274 -5.81 -21.31 -11.58
CA ASP B 274 -4.38 -21.11 -11.27
C ASP B 274 -4.15 -21.24 -9.75
N ALA B 275 -5.09 -20.73 -8.94
CA ALA B 275 -5.00 -20.88 -7.49
C ALA B 275 -5.06 -22.36 -7.05
N ILE B 276 -5.92 -23.16 -7.69
CA ILE B 276 -6.03 -24.62 -7.38
C ILE B 276 -4.73 -25.35 -7.79
N MET B 277 -4.18 -25.02 -8.98
CA MET B 277 -2.92 -25.61 -9.46
C MET B 277 -1.75 -25.27 -8.55
N THR B 278 -1.72 -24.02 -8.05
CA THR B 278 -0.61 -23.61 -7.19
C THR B 278 -0.62 -24.37 -5.88
N ARG B 279 -1.79 -24.47 -5.24
CA ARG B 279 -1.90 -25.21 -3.98
C ARG B 279 -1.61 -26.68 -4.23
N CYS B 280 -2.16 -27.23 -5.29
CA CYS B 280 -1.97 -28.65 -5.62
C CYS B 280 -0.49 -29.00 -5.83
N LEU B 281 0.25 -28.16 -6.58
CA LEU B 281 1.68 -28.38 -6.79
C LEU B 281 2.44 -28.34 -5.47
N ALA B 282 2.12 -27.36 -4.61
CA ALA B 282 2.79 -27.25 -3.32
C ALA B 282 2.52 -28.51 -2.48
N VAL B 283 1.28 -29.03 -2.53
CA VAL B 283 0.93 -30.22 -1.76
C VAL B 283 1.71 -31.43 -2.28
N HIS B 284 1.76 -31.59 -3.59
CA HIS B 284 2.50 -32.73 -4.17
C HIS B 284 4.01 -32.65 -3.86
N GLU B 285 4.59 -31.45 -3.97
CA GLU B 285 6.01 -31.26 -3.68
C GLU B 285 6.34 -31.54 -2.21
N CYS B 286 5.47 -31.14 -1.27
CA CYS B 286 5.79 -31.30 0.15
C CYS B 286 5.32 -32.57 0.82
N PHE B 287 4.32 -33.26 0.26
CA PHE B 287 3.71 -34.37 0.99
C PHE B 287 3.59 -35.68 0.26
N VAL B 288 3.80 -35.72 -1.04
CA VAL B 288 3.68 -36.95 -1.79
C VAL B 288 5.04 -37.60 -2.08
N LYS B 289 5.14 -38.92 -1.80
CA LYS B 289 6.33 -39.77 -2.02
C LYS B 289 7.59 -39.31 -1.30
#